data_2EGV
#
_entry.id   2EGV
#
_cell.length_a   62.364
_cell.length_b   76.976
_cell.length_c   97.762
_cell.angle_alpha   90.00
_cell.angle_beta   90.00
_cell.angle_gamma   90.00
#
_symmetry.space_group_name_H-M   'P 21 21 21'
#
loop_
_entity.id
_entity.type
_entity.pdbx_description
1 polymer 'UPF0088 protein aq_165'
2 non-polymer S-ADENOSYLMETHIONINE
3 water water
#
_entity_poly.entity_id   1
_entity_poly.type   'polypeptide(L)'
_entity_poly.pdbx_seq_one_letter_code
;MHVFYSEERRGNLLILREGEVKHFRVRRIEKDEEFGVIHEGKIYVCKVRREDKREISCEIVEELETKLPPKDITLYQSVT
VDLKTMDTIVRQATELGVLTFVPIISERSFQKEEAILKKTEKWKRIVIEAMKQSRRPIPMEIKKPVRLSDLIPESEENII
LDNFYEGVKPKDVNLEAKTYSVVVGPEGGFSKRESQILREKGFKSVLLEPYTLRTETAVVSIVSILMNF
;
_entity_poly.pdbx_strand_id   A,B
#
# COMPACT_ATOMS: atom_id res chain seq x y z
N MET A 1 17.34 15.95 -7.18
CA MET A 1 17.26 16.16 -8.65
C MET A 1 16.27 15.22 -9.32
N HIS A 2 15.82 15.57 -10.51
CA HIS A 2 14.88 14.74 -11.26
C HIS A 2 15.66 13.60 -11.90
N VAL A 3 14.97 12.47 -12.11
CA VAL A 3 15.58 11.31 -12.74
C VAL A 3 14.77 10.90 -13.96
N PHE A 4 15.50 10.58 -15.02
CA PHE A 4 14.91 10.18 -16.29
C PHE A 4 15.38 8.79 -16.68
N TYR A 5 14.85 8.28 -17.78
CA TYR A 5 15.14 6.92 -18.24
C TYR A 5 15.60 6.86 -19.69
N SER A 6 16.67 6.12 -19.94
CA SER A 6 17.24 5.97 -21.27
C SER A 6 17.59 4.52 -21.59
N GLU A 7 17.46 4.15 -22.86
CA GLU A 7 17.82 2.82 -23.32
C GLU A 7 18.74 2.97 -24.53
N GLU A 8 19.37 4.13 -24.65
CA GLU A 8 20.27 4.39 -25.77
C GLU A 8 21.44 5.27 -25.34
N ARG A 9 22.65 4.78 -25.60
CA ARG A 9 23.86 5.52 -25.26
C ARG A 9 24.72 5.68 -26.50
N ARG A 10 25.25 6.88 -26.69
CA ARG A 10 26.12 7.19 -27.82
C ARG A 10 27.38 7.80 -27.23
N GLY A 11 28.40 6.98 -27.06
CA GLY A 11 29.63 7.49 -26.46
C GLY A 11 29.39 7.88 -25.02
N ASN A 12 29.61 9.15 -24.71
CA ASN A 12 29.41 9.63 -23.34
C ASN A 12 28.05 10.30 -23.17
N LEU A 13 27.17 10.09 -24.15
CA LEU A 13 25.84 10.70 -24.11
C LEU A 13 24.72 9.67 -23.94
N LEU A 14 23.76 10.01 -23.09
CA LEU A 14 22.60 9.16 -22.86
C LEU A 14 21.46 9.87 -23.59
N ILE A 15 20.69 9.11 -24.35
CA ILE A 15 19.62 9.71 -25.14
C ILE A 15 18.22 9.45 -24.62
N LEU A 16 17.43 10.51 -24.53
CA LEU A 16 16.04 10.39 -24.09
C LEU A 16 15.22 10.48 -25.38
N ARG A 17 14.25 9.60 -25.54
CA ARG A 17 13.42 9.61 -26.73
C ARG A 17 11.96 9.35 -26.41
N GLU A 18 11.15 9.36 -27.47
CA GLU A 18 9.71 9.12 -27.36
C GLU A 18 9.06 9.98 -26.28
N GLY A 19 8.25 9.34 -25.43
CA GLY A 19 7.57 10.07 -24.38
C GLY A 19 8.47 10.64 -23.30
N GLU A 20 9.71 10.14 -23.21
CA GLU A 20 10.61 10.64 -22.18
C GLU A 20 11.02 12.08 -22.43
N VAL A 21 11.04 12.47 -23.70
CA VAL A 21 11.39 13.85 -24.07
C VAL A 21 10.27 14.76 -23.56
N LYS A 22 9.03 14.32 -23.71
CA LYS A 22 7.89 15.09 -23.23
C LYS A 22 7.98 15.19 -21.71
N HIS A 23 8.30 14.08 -21.05
CA HIS A 23 8.44 14.06 -19.60
C HIS A 23 9.50 15.07 -19.15
N PHE A 24 10.63 15.05 -19.85
CA PHE A 24 11.75 15.94 -19.55
C PHE A 24 11.28 17.39 -19.63
N ARG A 25 10.61 17.74 -20.71
CA ARG A 25 10.15 19.12 -20.86
C ARG A 25 9.12 19.55 -19.83
N VAL A 26 8.30 18.62 -19.38
CA VAL A 26 7.30 18.93 -18.36
C VAL A 26 8.00 19.29 -17.04
N ARG A 27 9.16 18.68 -16.81
CA ARG A 27 9.92 18.94 -15.59
C ARG A 27 10.59 20.33 -15.58
N ARG A 28 10.54 21.02 -16.71
CA ARG A 28 11.09 22.37 -16.82
C ARG A 28 12.49 22.50 -16.22
N ILE A 29 13.41 21.72 -16.77
CA ILE A 29 14.80 21.70 -16.35
C ILE A 29 15.47 23.02 -16.71
N GLU A 30 16.22 23.59 -15.76
CA GLU A 30 16.87 24.87 -15.99
C GLU A 30 18.23 24.71 -16.67
N LYS A 31 18.78 25.82 -17.15
CA LYS A 31 20.08 25.78 -17.81
C LYS A 31 21.13 25.27 -16.83
N ASP A 32 21.95 24.32 -17.28
CA ASP A 32 23.01 23.74 -16.46
C ASP A 32 22.52 22.89 -15.30
N GLU A 33 21.21 22.71 -15.18
CA GLU A 33 20.67 21.89 -14.10
C GLU A 33 21.04 20.43 -14.34
N GLU A 34 21.57 19.78 -13.31
CA GLU A 34 21.94 18.37 -13.43
C GLU A 34 20.76 17.49 -13.05
N PHE A 35 20.69 16.32 -13.67
CA PHE A 35 19.60 15.39 -13.43
C PHE A 35 20.14 13.99 -13.60
N GLY A 36 19.43 13.00 -13.06
CA GLY A 36 19.89 11.64 -13.19
C GLY A 36 19.26 10.96 -14.38
N VAL A 37 19.96 9.97 -14.92
CA VAL A 37 19.45 9.20 -16.05
C VAL A 37 19.77 7.73 -15.83
N ILE A 38 18.72 6.92 -15.81
CA ILE A 38 18.86 5.49 -15.64
C ILE A 38 19.28 4.89 -16.97
N HIS A 39 20.31 4.06 -16.94
CA HIS A 39 20.75 3.37 -18.15
C HIS A 39 21.49 2.09 -17.80
N GLU A 40 20.94 0.98 -18.29
CA GLU A 40 21.49 -0.35 -18.10
C GLU A 40 21.97 -0.70 -16.70
N GLY A 41 21.09 -0.47 -15.73
CA GLY A 41 21.39 -0.83 -14.35
C GLY A 41 22.09 0.19 -13.48
N LYS A 42 22.39 1.37 -14.03
CA LYS A 42 23.06 2.41 -13.27
C LYS A 42 22.33 3.73 -13.44
N ILE A 43 22.59 4.67 -12.55
CA ILE A 43 22.00 5.99 -12.66
C ILE A 43 23.17 6.95 -12.79
N TYR A 44 23.17 7.70 -13.88
CA TYR A 44 24.22 8.66 -14.18
C TYR A 44 23.75 10.09 -13.93
N VAL A 45 24.67 10.92 -13.45
CA VAL A 45 24.36 12.33 -13.25
C VAL A 45 24.73 12.95 -14.58
N CYS A 46 23.79 13.69 -15.16
CA CYS A 46 24.01 14.31 -16.47
C CYS A 46 23.55 15.75 -16.53
N LYS A 47 23.90 16.39 -17.63
CA LYS A 47 23.49 17.75 -17.92
C LYS A 47 23.11 17.68 -19.38
N VAL A 48 22.30 18.61 -19.85
CA VAL A 48 21.90 18.58 -21.25
C VAL A 48 23.05 18.87 -22.19
N ARG A 49 23.09 18.14 -23.29
CA ARG A 49 24.10 18.36 -24.32
C ARG A 49 23.38 19.12 -25.42
N ARG A 50 22.31 18.51 -25.92
CA ARG A 50 21.54 19.13 -26.99
C ARG A 50 20.08 18.69 -26.97
N GLU A 51 19.17 19.66 -27.11
CA GLU A 51 17.75 19.35 -27.12
C GLU A 51 17.28 19.42 -28.58
N ASP A 52 16.69 18.33 -29.04
CA ASP A 52 16.17 18.29 -30.40
C ASP A 52 14.66 18.24 -30.32
N LYS A 53 14.00 18.17 -31.47
CA LYS A 53 12.55 18.13 -31.49
C LYS A 53 12.00 16.89 -30.80
N ARG A 54 12.57 15.73 -31.12
CA ARG A 54 12.08 14.47 -30.56
C ARG A 54 13.10 13.65 -29.78
N GLU A 55 14.18 14.27 -29.35
CA GLU A 55 15.19 13.57 -28.57
C GLU A 55 16.05 14.57 -27.83
N ILE A 56 16.59 14.15 -26.71
CA ILE A 56 17.45 15.00 -25.91
C ILE A 56 18.69 14.21 -25.55
N SER A 57 19.85 14.75 -25.89
CA SER A 57 21.11 14.09 -25.57
C SER A 57 21.60 14.65 -24.25
N CYS A 58 22.08 13.76 -23.39
CA CYS A 58 22.54 14.15 -22.05
C CYS A 58 24.00 13.72 -21.83
N GLU A 59 24.84 14.69 -21.51
CA GLU A 59 26.25 14.38 -21.26
C GLU A 59 26.43 13.86 -19.84
N ILE A 60 27.06 12.70 -19.72
CA ILE A 60 27.32 12.11 -18.41
C ILE A 60 28.45 12.88 -17.73
N VAL A 61 28.19 13.37 -16.51
CA VAL A 61 29.20 14.12 -15.78
C VAL A 61 29.64 13.42 -14.50
N GLU A 62 28.88 12.39 -14.11
CA GLU A 62 29.18 11.61 -12.92
C GLU A 62 28.25 10.42 -12.84
N GLU A 63 28.41 9.62 -11.79
CA GLU A 63 27.56 8.45 -11.60
C GLU A 63 27.05 8.42 -10.17
N LEU A 64 25.76 8.18 -10.01
CA LEU A 64 25.16 8.11 -8.68
C LEU A 64 25.39 6.74 -8.06
N GLU A 65 25.49 6.71 -6.73
CA GLU A 65 25.68 5.46 -6.02
C GLU A 65 24.31 4.79 -6.01
N THR A 66 24.25 3.57 -6.55
CA THR A 66 22.99 2.84 -6.61
C THR A 66 22.97 1.63 -5.69
N LYS A 67 21.78 1.19 -5.34
CA LYS A 67 21.60 0.05 -4.47
C LYS A 67 20.59 -0.91 -5.06
N LEU A 68 20.88 -2.20 -4.96
CA LEU A 68 19.99 -3.24 -5.47
C LEU A 68 19.16 -3.76 -4.31
N PRO A 69 17.99 -4.35 -4.60
CA PRO A 69 17.14 -4.89 -3.54
C PRO A 69 17.90 -5.94 -2.73
N PRO A 70 17.74 -5.92 -1.39
CA PRO A 70 18.42 -6.89 -0.52
C PRO A 70 17.91 -8.32 -0.69
N LYS A 71 16.68 -8.45 -1.18
CA LYS A 71 16.08 -9.77 -1.40
C LYS A 71 15.60 -9.83 -2.85
N ASP A 72 15.59 -11.04 -3.42
CA ASP A 72 15.12 -11.28 -4.78
C ASP A 72 13.72 -11.86 -4.65
N ILE A 73 12.71 -11.04 -4.92
CA ILE A 73 11.33 -11.47 -4.79
C ILE A 73 10.60 -11.56 -6.12
N THR A 74 9.89 -12.67 -6.30
CA THR A 74 9.06 -12.88 -7.47
C THR A 74 7.62 -12.84 -6.94
N LEU A 75 6.84 -11.90 -7.42
CA LEU A 75 5.45 -11.76 -7.00
C LEU A 75 4.50 -12.37 -8.02
N TYR A 76 3.76 -13.38 -7.60
CA TYR A 76 2.76 -14.06 -8.43
C TYR A 76 1.45 -13.43 -7.99
N GLN A 77 0.98 -12.48 -8.77
CA GLN A 77 -0.25 -11.76 -8.43
C GLN A 77 -1.48 -12.21 -9.21
N SER A 78 -2.45 -12.77 -8.51
CA SER A 78 -3.70 -13.18 -9.16
C SER A 78 -4.29 -11.88 -9.69
N VAL A 79 -4.60 -11.82 -10.98
CA VAL A 79 -5.11 -10.61 -11.58
C VAL A 79 -6.46 -10.19 -10.99
N THR A 80 -6.52 -8.97 -10.48
CA THR A 80 -7.73 -8.45 -9.88
C THR A 80 -8.85 -8.28 -10.91
N VAL A 81 -10.08 -8.57 -10.49
CA VAL A 81 -11.24 -8.45 -11.38
C VAL A 81 -11.35 -7.00 -11.84
N ASP A 82 -10.96 -6.07 -10.96
CA ASP A 82 -10.93 -4.67 -11.33
C ASP A 82 -9.50 -4.50 -11.82
N LEU A 83 -9.31 -4.54 -13.15
CA LEU A 83 -7.97 -4.42 -13.73
C LEU A 83 -7.21 -3.17 -13.32
N LYS A 84 -7.91 -2.09 -13.04
CA LYS A 84 -7.25 -0.85 -12.66
C LYS A 84 -6.37 -1.00 -11.43
N THR A 85 -6.77 -1.89 -10.53
CA THR A 85 -6.01 -2.12 -9.31
C THR A 85 -4.61 -2.61 -9.60
N MET A 86 -4.45 -3.34 -10.71
CA MET A 86 -3.13 -3.85 -11.06
C MET A 86 -2.14 -2.72 -11.32
N ASP A 87 -2.63 -1.55 -11.73
CA ASP A 87 -1.72 -0.43 -11.99
C ASP A 87 -1.01 -0.06 -10.69
N THR A 88 -1.76 -0.05 -9.60
CA THR A 88 -1.24 0.28 -8.28
C THR A 88 -0.26 -0.78 -7.78
N ILE A 89 -0.64 -2.05 -7.93
CA ILE A 89 0.20 -3.15 -7.47
C ILE A 89 1.52 -3.18 -8.22
N VAL A 90 1.47 -2.99 -9.54
CA VAL A 90 2.68 -2.98 -10.34
C VAL A 90 3.58 -1.83 -9.91
N ARG A 91 2.99 -0.65 -9.73
CA ARG A 91 3.78 0.50 -9.33
C ARG A 91 4.42 0.31 -7.96
N GLN A 92 3.65 -0.17 -6.99
CA GLN A 92 4.18 -0.34 -5.65
C GLN A 92 5.19 -1.48 -5.56
N ALA A 93 4.98 -2.55 -6.32
CA ALA A 93 5.94 -3.65 -6.33
C ALA A 93 7.27 -3.12 -6.85
N THR A 94 7.21 -2.20 -7.82
CA THR A 94 8.42 -1.62 -8.38
C THR A 94 9.13 -0.77 -7.33
N GLU A 95 8.38 0.12 -6.67
CA GLU A 95 8.92 0.98 -5.63
C GLU A 95 9.59 0.17 -4.52
N LEU A 96 8.95 -0.95 -4.17
CA LEU A 96 9.42 -1.81 -3.09
C LEU A 96 10.63 -2.67 -3.40
N GLY A 97 10.97 -2.80 -4.68
CA GLY A 97 12.14 -3.59 -5.05
C GLY A 97 11.91 -4.98 -5.61
N VAL A 98 10.65 -5.34 -5.84
CA VAL A 98 10.34 -6.66 -6.41
C VAL A 98 11.04 -6.81 -7.76
N LEU A 99 11.69 -7.95 -7.99
CA LEU A 99 12.43 -8.17 -9.23
C LEU A 99 11.63 -8.74 -10.39
N THR A 100 10.68 -9.62 -10.09
CA THR A 100 9.89 -10.25 -11.13
C THR A 100 8.41 -10.23 -10.74
N PHE A 101 7.56 -9.89 -11.71
CA PHE A 101 6.12 -9.80 -11.50
C PHE A 101 5.42 -10.73 -12.48
N VAL A 102 4.63 -11.66 -11.95
CA VAL A 102 3.93 -12.62 -12.80
C VAL A 102 2.42 -12.59 -12.58
N PRO A 103 1.66 -12.19 -13.60
CA PRO A 103 0.20 -12.17 -13.41
C PRO A 103 -0.31 -13.61 -13.43
N ILE A 104 -1.19 -13.93 -12.48
CA ILE A 104 -1.75 -15.28 -12.34
C ILE A 104 -3.25 -15.33 -12.54
N ILE A 105 -3.72 -16.46 -13.07
CA ILE A 105 -5.15 -16.67 -13.26
C ILE A 105 -5.55 -17.74 -12.25
N SER A 106 -6.39 -17.35 -11.29
CA SER A 106 -6.87 -18.27 -10.27
C SER A 106 -8.37 -18.43 -10.39
N GLU A 107 -8.96 -19.24 -9.51
CA GLU A 107 -10.39 -19.50 -9.55
C GLU A 107 -11.25 -18.24 -9.54
N ARG A 108 -10.89 -17.27 -8.71
CA ARG A 108 -11.68 -16.04 -8.59
C ARG A 108 -11.08 -14.78 -9.18
N SER A 109 -9.98 -14.91 -9.93
CA SER A 109 -9.33 -13.76 -10.52
C SER A 109 -9.93 -13.35 -11.86
N PHE A 110 -9.34 -12.34 -12.47
CA PHE A 110 -9.75 -11.87 -13.79
C PHE A 110 -9.41 -13.09 -14.65
N GLN A 111 -10.18 -13.34 -15.71
CA GLN A 111 -9.94 -14.53 -16.53
C GLN A 111 -9.41 -14.35 -17.96
N LYS A 112 -9.73 -13.25 -18.61
CA LYS A 112 -9.30 -13.00 -20.00
C LYS A 112 -7.81 -12.79 -20.19
N GLU A 113 -7.12 -13.82 -20.68
CA GLU A 113 -5.68 -13.74 -20.93
C GLU A 113 -5.34 -12.63 -21.92
N GLU A 114 -6.16 -12.50 -22.96
CA GLU A 114 -5.94 -11.49 -23.99
C GLU A 114 -5.91 -10.08 -23.39
N ALA A 115 -6.79 -9.83 -22.43
CA ALA A 115 -6.88 -8.52 -21.79
C ALA A 115 -5.66 -8.28 -20.89
N ILE A 116 -5.16 -9.33 -20.28
CA ILE A 116 -3.99 -9.22 -19.41
C ILE A 116 -2.78 -8.83 -20.24
N LEU A 117 -2.63 -9.46 -21.40
CA LEU A 117 -1.52 -9.17 -22.29
C LEU A 117 -1.54 -7.73 -22.77
N LYS A 118 -2.74 -7.22 -23.04
CA LYS A 118 -2.89 -5.85 -23.50
C LYS A 118 -2.48 -4.86 -22.41
N LYS A 119 -2.94 -5.11 -21.19
CA LYS A 119 -2.64 -4.24 -20.06
C LYS A 119 -1.17 -4.26 -19.67
N THR A 120 -0.47 -5.34 -19.99
CA THR A 120 0.93 -5.44 -19.65
C THR A 120 1.75 -4.32 -20.28
N GLU A 121 1.31 -3.81 -21.43
CA GLU A 121 2.01 -2.71 -22.09
C GLU A 121 2.03 -1.51 -21.14
N LYS A 122 0.87 -1.23 -20.54
CA LYS A 122 0.76 -0.12 -19.61
C LYS A 122 1.57 -0.41 -18.36
N TRP A 123 1.49 -1.65 -17.87
CA TRP A 123 2.24 -2.01 -16.67
C TRP A 123 3.74 -1.76 -16.84
N LYS A 124 4.27 -2.04 -18.03
CA LYS A 124 5.69 -1.81 -18.29
C LYS A 124 6.02 -0.32 -18.25
N ARG A 125 5.09 0.52 -18.70
CA ARG A 125 5.32 1.96 -18.65
C ARG A 125 5.30 2.40 -17.19
N ILE A 126 4.38 1.84 -16.41
CA ILE A 126 4.27 2.20 -15.00
C ILE A 126 5.56 1.83 -14.27
N VAL A 127 6.14 0.70 -14.62
CA VAL A 127 7.39 0.26 -14.00
C VAL A 127 8.48 1.32 -14.21
N ILE A 128 8.61 1.82 -15.43
CA ILE A 128 9.62 2.82 -15.73
C ILE A 128 9.39 4.12 -14.95
N GLU A 129 8.13 4.55 -14.85
CA GLU A 129 7.87 5.77 -14.11
C GLU A 129 8.21 5.59 -12.63
N ALA A 130 7.91 4.41 -12.08
CA ALA A 130 8.20 4.13 -10.68
C ALA A 130 9.72 4.04 -10.48
N MET A 131 10.43 3.53 -11.48
CA MET A 131 11.89 3.40 -11.40
C MET A 131 12.49 4.81 -11.25
N LYS A 132 11.99 5.74 -12.06
CA LYS A 132 12.46 7.12 -12.02
C LYS A 132 12.18 7.79 -10.67
N GLN A 133 10.95 7.64 -10.18
CA GLN A 133 10.58 8.27 -8.91
C GLN A 133 11.27 7.68 -7.69
N SER A 134 11.54 6.37 -7.73
CA SER A 134 12.20 5.71 -6.61
C SER A 134 13.71 5.62 -6.73
N ARG A 135 14.24 6.06 -7.87
CA ARG A 135 15.68 6.00 -8.13
C ARG A 135 16.13 4.54 -8.10
N ARG A 136 15.33 3.69 -8.72
CA ARG A 136 15.61 2.27 -8.84
C ARG A 136 16.17 2.07 -10.25
N PRO A 137 17.45 1.66 -10.35
CA PRO A 137 18.13 1.45 -11.63
C PRO A 137 17.87 0.14 -12.37
N ILE A 138 17.31 -0.85 -11.68
CA ILE A 138 17.05 -2.13 -12.33
C ILE A 138 15.57 -2.30 -12.61
N PRO A 139 15.23 -2.84 -13.78
CA PRO A 139 13.80 -3.01 -14.07
C PRO A 139 13.16 -4.15 -13.30
N MET A 140 11.83 -4.16 -13.31
CA MET A 140 11.07 -5.24 -12.72
C MET A 140 10.48 -5.91 -13.95
N GLU A 141 10.79 -7.18 -14.14
CA GLU A 141 10.28 -7.91 -15.29
C GLU A 141 8.82 -8.28 -15.11
N ILE A 142 8.01 -8.02 -16.13
CA ILE A 142 6.62 -8.41 -16.09
C ILE A 142 6.51 -9.56 -17.08
N LYS A 143 6.17 -10.74 -16.57
CA LYS A 143 6.09 -11.93 -17.40
C LYS A 143 4.69 -12.20 -17.92
N LYS A 144 4.60 -13.20 -18.80
CA LYS A 144 3.32 -13.60 -19.37
C LYS A 144 2.49 -14.25 -18.27
N PRO A 145 1.16 -14.23 -18.41
CA PRO A 145 0.29 -14.82 -17.40
C PRO A 145 0.35 -16.34 -17.36
N VAL A 146 0.22 -16.89 -16.16
CA VAL A 146 0.23 -18.35 -15.98
C VAL A 146 -0.91 -18.69 -15.04
N ARG A 147 -1.33 -19.94 -15.05
CA ARG A 147 -2.42 -20.38 -14.18
C ARG A 147 -1.86 -20.78 -12.82
N LEU A 148 -2.66 -20.57 -11.78
CA LEU A 148 -2.23 -20.92 -10.42
C LEU A 148 -1.83 -22.38 -10.35
N SER A 149 -2.55 -23.23 -11.09
CA SER A 149 -2.28 -24.66 -11.10
C SER A 149 -0.92 -25.02 -11.71
N ASP A 150 -0.26 -24.07 -12.35
CA ASP A 150 1.03 -24.34 -12.95
C ASP A 150 2.22 -23.77 -12.20
N LEU A 151 1.99 -23.23 -11.01
CA LEU A 151 3.07 -22.66 -10.22
C LEU A 151 3.89 -23.73 -9.50
N ILE A 152 5.19 -23.47 -9.38
CA ILE A 152 6.12 -24.36 -8.71
C ILE A 152 6.94 -23.53 -7.72
N PRO A 153 7.23 -24.08 -6.53
CA PRO A 153 8.00 -23.37 -5.51
C PRO A 153 9.49 -23.41 -5.86
N GLU A 154 9.91 -22.47 -6.71
CA GLU A 154 11.30 -22.41 -7.18
C GLU A 154 12.30 -21.66 -6.31
N SER A 155 11.83 -20.77 -5.45
CA SER A 155 12.73 -19.98 -4.61
C SER A 155 13.15 -20.64 -3.31
N GLU A 156 14.03 -19.97 -2.57
CA GLU A 156 14.53 -20.49 -1.30
C GLU A 156 13.38 -20.54 -0.29
N GLU A 157 12.46 -19.59 -0.40
CA GLU A 157 11.28 -19.55 0.46
C GLU A 157 10.11 -19.25 -0.47
N ASN A 158 9.05 -20.05 -0.34
CA ASN A 158 7.87 -19.92 -1.17
C ASN A 158 6.64 -19.75 -0.29
N ILE A 159 5.97 -18.62 -0.45
CA ILE A 159 4.82 -18.27 0.37
C ILE A 159 3.54 -17.98 -0.40
N ILE A 160 2.42 -18.29 0.24
CA ILE A 160 1.11 -17.98 -0.32
C ILE A 160 0.42 -17.15 0.76
N LEU A 161 -0.03 -15.94 0.40
CA LEU A 161 -0.73 -15.10 1.35
C LEU A 161 -2.19 -15.50 1.31
N ASP A 162 -2.73 -15.95 2.44
CA ASP A 162 -4.12 -16.38 2.47
C ASP A 162 -4.82 -16.02 3.77
N ASN A 163 -5.85 -15.18 3.65
CA ASN A 163 -6.64 -14.75 4.80
C ASN A 163 -7.66 -15.83 5.21
N PHE A 164 -7.92 -16.78 4.31
CA PHE A 164 -8.90 -17.83 4.59
C PHE A 164 -8.31 -19.09 5.20
N TYR A 165 -7.01 -19.08 5.47
CA TYR A 165 -6.35 -20.24 6.07
C TYR A 165 -5.52 -19.80 7.27
N GLU A 166 -5.57 -20.59 8.34
CA GLU A 166 -4.81 -20.26 9.54
C GLU A 166 -3.35 -20.59 9.32
N GLY A 167 -2.66 -19.69 8.62
CA GLY A 167 -1.25 -19.89 8.33
C GLY A 167 -0.33 -19.40 9.42
N VAL A 168 0.94 -19.21 9.07
CA VAL A 168 1.94 -18.73 10.01
C VAL A 168 2.10 -17.22 9.94
N LYS A 169 2.74 -16.66 10.97
CA LYS A 169 2.98 -15.23 11.03
C LYS A 169 4.16 -14.91 10.13
N PRO A 170 4.15 -13.72 9.50
CA PRO A 170 5.24 -13.30 8.61
C PRO A 170 6.61 -13.37 9.28
N LYS A 171 6.67 -13.06 10.57
CA LYS A 171 7.95 -13.09 11.28
C LYS A 171 8.46 -14.51 11.50
N ASP A 172 7.67 -15.50 11.11
CA ASP A 172 8.09 -16.89 11.29
C ASP A 172 8.48 -17.61 10.01
N VAL A 173 8.48 -16.88 8.88
CA VAL A 173 8.88 -17.49 7.62
C VAL A 173 10.40 -17.45 7.57
N ASN A 174 11.00 -18.04 6.54
CA ASN A 174 12.45 -18.06 6.40
C ASN A 174 12.93 -16.68 5.94
N LEU A 175 13.20 -15.80 6.89
CA LEU A 175 13.65 -14.45 6.59
C LEU A 175 15.13 -14.38 6.22
N GLU A 176 15.81 -15.53 6.27
CA GLU A 176 17.22 -15.58 5.93
C GLU A 176 17.38 -16.01 4.46
N ALA A 177 16.25 -16.28 3.82
CA ALA A 177 16.25 -16.69 2.42
C ALA A 177 16.68 -15.52 1.55
N LYS A 178 17.37 -15.82 0.45
CA LYS A 178 17.84 -14.78 -0.46
C LYS A 178 16.82 -14.57 -1.57
N THR A 179 16.07 -15.61 -1.89
CA THR A 179 15.05 -15.52 -2.94
C THR A 179 13.69 -15.96 -2.40
N TYR A 180 12.65 -15.28 -2.86
CA TYR A 180 11.29 -15.55 -2.43
C TYR A 180 10.32 -15.59 -3.60
N SER A 181 9.28 -16.42 -3.44
CA SER A 181 8.19 -16.50 -4.39
C SER A 181 7.00 -16.20 -3.49
N VAL A 182 6.22 -15.18 -3.85
CA VAL A 182 5.07 -14.78 -3.05
C VAL A 182 3.81 -14.79 -3.91
N VAL A 183 2.80 -15.55 -3.47
CA VAL A 183 1.55 -15.66 -4.20
C VAL A 183 0.43 -14.92 -3.46
N VAL A 184 -0.23 -14.00 -4.16
CA VAL A 184 -1.30 -13.20 -3.59
C VAL A 184 -2.58 -13.35 -4.40
N GLY A 185 -3.71 -13.36 -3.70
CA GLY A 185 -4.98 -13.54 -4.38
C GLY A 185 -5.70 -12.30 -4.85
N PRO A 186 -6.78 -12.49 -5.63
CA PRO A 186 -7.60 -11.41 -6.17
C PRO A 186 -8.57 -10.96 -5.09
N GLU A 187 -9.47 -10.02 -5.42
CA GLU A 187 -10.43 -9.52 -4.44
C GLU A 187 -11.18 -10.61 -3.70
N GLY A 188 -11.59 -11.66 -4.42
CA GLY A 188 -12.32 -12.75 -3.81
C GLY A 188 -11.47 -13.76 -3.05
N GLY A 189 -10.16 -13.58 -3.11
CA GLY A 189 -9.25 -14.49 -2.42
C GLY A 189 -9.08 -15.85 -3.09
N PHE A 190 -8.47 -16.76 -2.35
CA PHE A 190 -8.23 -18.12 -2.83
C PHE A 190 -9.27 -19.10 -2.31
N SER A 191 -9.78 -19.95 -3.20
CA SER A 191 -10.76 -20.94 -2.77
C SER A 191 -10.01 -21.97 -1.92
N LYS A 192 -10.73 -22.66 -1.06
CA LYS A 192 -10.11 -23.67 -0.20
C LYS A 192 -9.49 -24.78 -1.04
N ARG A 193 -10.14 -25.08 -2.15
CA ARG A 193 -9.68 -26.13 -3.05
C ARG A 193 -8.33 -25.81 -3.69
N GLU A 194 -8.20 -24.61 -4.24
CA GLU A 194 -6.96 -24.24 -4.91
C GLU A 194 -5.81 -23.94 -3.94
N SER A 195 -6.12 -23.42 -2.75
CA SER A 195 -5.04 -23.13 -1.81
C SER A 195 -4.46 -24.42 -1.23
N GLN A 196 -5.32 -25.43 -1.03
CA GLN A 196 -4.86 -26.71 -0.51
C GLN A 196 -3.83 -27.31 -1.45
N ILE A 197 -4.11 -27.19 -2.75
CA ILE A 197 -3.20 -27.72 -3.77
C ILE A 197 -1.85 -27.00 -3.74
N LEU A 198 -1.89 -25.69 -3.61
CA LEU A 198 -0.66 -24.91 -3.57
C LEU A 198 0.14 -25.23 -2.32
N ARG A 199 -0.55 -25.40 -1.19
CA ARG A 199 0.15 -25.73 0.06
C ARG A 199 0.81 -27.10 -0.06
N GLU A 200 0.12 -28.06 -0.68
CA GLU A 200 0.69 -29.40 -0.83
C GLU A 200 1.91 -29.37 -1.74
N LYS A 201 1.88 -28.46 -2.71
CA LYS A 201 2.97 -28.32 -3.67
C LYS A 201 4.23 -27.69 -3.08
N GLY A 202 4.14 -27.17 -1.86
CA GLY A 202 5.31 -26.59 -1.23
C GLY A 202 5.26 -25.14 -0.81
N PHE A 203 4.12 -24.48 -1.01
CA PHE A 203 3.97 -23.08 -0.62
C PHE A 203 3.53 -22.97 0.83
N LYS A 204 4.24 -22.14 1.60
CA LYS A 204 3.95 -21.92 3.01
C LYS A 204 2.90 -20.83 3.14
N SER A 205 1.78 -21.15 3.78
CA SER A 205 0.69 -20.18 3.93
C SER A 205 0.97 -19.19 5.06
N VAL A 206 0.85 -17.91 4.74
CA VAL A 206 1.09 -16.84 5.69
C VAL A 206 -0.19 -16.03 5.96
N LEU A 207 -0.38 -15.68 7.23
CA LEU A 207 -1.55 -14.91 7.66
C LEU A 207 -1.09 -13.62 8.33
N LEU A 208 -1.51 -12.49 7.76
CA LEU A 208 -1.16 -11.18 8.30
C LEU A 208 -2.19 -10.81 9.37
N GLU A 209 -1.78 -10.02 10.36
CA GLU A 209 -2.66 -9.60 11.46
C GLU A 209 -2.91 -8.10 11.41
N PRO A 210 -4.06 -7.63 11.95
CA PRO A 210 -5.12 -8.44 12.57
C PRO A 210 -6.39 -8.63 11.74
N TYR A 211 -6.52 -7.89 10.63
CA TYR A 211 -7.72 -7.99 9.82
C TYR A 211 -7.47 -8.42 8.39
N THR A 212 -8.54 -8.50 7.61
CA THR A 212 -8.43 -8.89 6.21
C THR A 212 -8.19 -7.61 5.40
N LEU A 213 -7.15 -7.66 4.56
CA LEU A 213 -6.75 -6.52 3.76
C LEU A 213 -7.16 -6.64 2.31
N ARG A 214 -7.16 -5.52 1.59
CA ARG A 214 -7.43 -5.57 0.17
C ARG A 214 -6.13 -6.10 -0.42
N THR A 215 -6.22 -6.67 -1.62
CA THR A 215 -5.06 -7.24 -2.29
C THR A 215 -3.82 -6.35 -2.31
N GLU A 216 -3.97 -5.12 -2.80
CA GLU A 216 -2.85 -4.20 -2.90
C GLU A 216 -2.18 -3.92 -1.56
N THR A 217 -2.99 -3.84 -0.51
CA THR A 217 -2.49 -3.59 0.83
C THR A 217 -1.67 -4.80 1.32
N ALA A 218 -2.17 -5.99 1.02
CA ALA A 218 -1.48 -7.22 1.42
C ALA A 218 -0.13 -7.33 0.71
N VAL A 219 -0.08 -6.95 -0.57
CA VAL A 219 1.17 -7.01 -1.32
C VAL A 219 2.24 -6.15 -0.65
N VAL A 220 1.92 -4.89 -0.38
CA VAL A 220 2.89 -4.01 0.25
C VAL A 220 3.25 -4.52 1.65
N SER A 221 2.28 -5.06 2.37
CA SER A 221 2.54 -5.58 3.71
C SER A 221 3.60 -6.67 3.70
N ILE A 222 3.38 -7.72 2.90
CA ILE A 222 4.34 -8.81 2.89
C ILE A 222 5.68 -8.45 2.27
N VAL A 223 5.66 -7.70 1.17
CA VAL A 223 6.92 -7.33 0.53
C VAL A 223 7.77 -6.45 1.42
N SER A 224 7.15 -5.50 2.11
CA SER A 224 7.89 -4.61 2.99
C SER A 224 8.55 -5.40 4.13
N ILE A 225 7.84 -6.39 4.65
CA ILE A 225 8.39 -7.21 5.73
C ILE A 225 9.58 -8.02 5.22
N LEU A 226 9.43 -8.67 4.07
CA LEU A 226 10.51 -9.48 3.53
C LEU A 226 11.75 -8.65 3.17
N MET A 227 11.53 -7.47 2.61
CA MET A 227 12.63 -6.60 2.21
C MET A 227 13.38 -5.95 3.36
N ASN A 228 12.70 -5.73 4.48
CA ASN A 228 13.31 -5.07 5.62
C ASN A 228 13.77 -5.99 6.76
N PHE A 229 13.66 -7.30 6.57
CA PHE A 229 14.06 -8.24 7.62
C PHE A 229 14.90 -9.39 7.08
N MET B 1 -19.88 -14.24 4.60
CA MET B 1 -21.00 -13.41 5.11
C MET B 1 -20.74 -11.93 4.80
N HIS B 2 -21.75 -11.27 4.24
CA HIS B 2 -21.63 -9.84 3.92
C HIS B 2 -21.69 -9.06 5.24
N VAL B 3 -21.01 -7.92 5.28
CA VAL B 3 -21.00 -7.07 6.47
C VAL B 3 -21.45 -5.65 6.16
N PHE B 4 -22.34 -5.12 6.99
CA PHE B 4 -22.86 -3.77 6.83
C PHE B 4 -22.55 -2.94 8.06
N TYR B 5 -22.88 -1.64 8.01
CA TYR B 5 -22.59 -0.73 9.11
C TYR B 5 -23.83 0.05 9.55
N SER B 6 -24.02 0.13 10.87
CA SER B 6 -25.16 0.84 11.44
C SER B 6 -24.75 1.79 12.57
N GLU B 7 -25.47 2.89 12.69
CA GLU B 7 -25.23 3.86 13.76
C GLU B 7 -26.59 4.18 14.34
N GLU B 8 -27.49 3.20 14.26
CA GLU B 8 -28.85 3.37 14.75
C GLU B 8 -29.42 2.04 15.22
N ARG B 9 -29.80 1.98 16.49
CA ARG B 9 -30.38 0.75 17.03
C ARG B 9 -31.76 1.05 17.60
N ARG B 10 -32.71 0.18 17.26
CA ARG B 10 -34.09 0.32 17.72
C ARG B 10 -34.48 -1.02 18.35
N GLY B 11 -34.33 -1.11 19.67
CA GLY B 11 -34.66 -2.33 20.35
C GLY B 11 -33.64 -3.39 19.95
N ASN B 12 -34.13 -4.52 19.44
CA ASN B 12 -33.24 -5.60 19.02
C ASN B 12 -33.01 -5.53 17.51
N LEU B 13 -33.20 -4.35 16.94
CA LEU B 13 -33.01 -4.14 15.51
C LEU B 13 -31.92 -3.11 15.24
N LEU B 14 -31.03 -3.43 14.29
CA LEU B 14 -29.98 -2.50 13.90
C LEU B 14 -30.49 -1.93 12.58
N ILE B 15 -30.42 -0.61 12.43
CA ILE B 15 -30.95 0.05 11.26
C ILE B 15 -29.89 0.52 10.28
N LEU B 16 -30.14 0.27 8.99
CA LEU B 16 -29.22 0.70 7.93
C LEU B 16 -29.86 1.90 7.26
N ARG B 17 -29.05 2.90 6.95
CA ARG B 17 -29.55 4.12 6.31
C ARG B 17 -28.71 4.53 5.10
N GLU B 18 -29.31 5.39 4.29
CA GLU B 18 -28.67 5.95 3.09
C GLU B 18 -27.79 4.99 2.29
N GLY B 19 -26.48 5.25 2.30
CA GLY B 19 -25.56 4.41 1.55
C GLY B 19 -25.64 2.92 1.84
N GLU B 20 -25.81 2.57 3.10
CA GLU B 20 -25.89 1.16 3.48
C GLU B 20 -27.15 0.49 2.95
N VAL B 21 -28.21 1.26 2.75
CA VAL B 21 -29.46 0.71 2.23
C VAL B 21 -29.20 0.28 0.78
N LYS B 22 -28.47 1.11 0.05
CA LYS B 22 -28.13 0.82 -1.33
C LYS B 22 -27.23 -0.40 -1.38
N HIS B 23 -26.20 -0.43 -0.52
CA HIS B 23 -25.29 -1.56 -0.49
C HIS B 23 -26.03 -2.85 -0.18
N PHE B 24 -27.00 -2.77 0.73
CA PHE B 24 -27.78 -3.94 1.10
C PHE B 24 -28.54 -4.47 -0.12
N ARG B 25 -29.18 -3.55 -0.84
CA ARG B 25 -29.95 -3.91 -2.03
C ARG B 25 -29.08 -4.62 -3.07
N VAL B 26 -27.87 -4.10 -3.27
CA VAL B 26 -26.94 -4.68 -4.24
C VAL B 26 -26.60 -6.13 -3.92
N ARG B 27 -26.49 -6.46 -2.64
CA ARG B 27 -26.14 -7.80 -2.22
C ARG B 27 -27.27 -8.82 -2.39
N ARG B 28 -28.48 -8.33 -2.66
CA ARG B 28 -29.64 -9.19 -2.86
C ARG B 28 -29.70 -10.28 -1.78
N ILE B 29 -29.86 -9.84 -0.54
CA ILE B 29 -29.92 -10.72 0.63
C ILE B 29 -31.22 -11.50 0.69
N GLU B 30 -31.11 -12.79 1.04
CA GLU B 30 -32.26 -13.67 1.15
C GLU B 30 -32.97 -13.49 2.49
N LYS B 31 -34.25 -13.87 2.53
CA LYS B 31 -35.05 -13.74 3.74
C LYS B 31 -34.38 -14.22 5.03
N ASP B 32 -33.91 -15.46 5.04
CA ASP B 32 -33.26 -16.00 6.23
C ASP B 32 -31.73 -16.03 6.14
N GLU B 33 -31.18 -15.32 5.17
CA GLU B 33 -29.73 -15.28 4.98
C GLU B 33 -29.09 -14.43 6.08
N GLU B 34 -28.09 -14.99 6.76
CA GLU B 34 -27.41 -14.24 7.81
C GLU B 34 -26.33 -13.33 7.25
N PHE B 35 -26.17 -12.18 7.89
CA PHE B 35 -25.16 -11.21 7.50
C PHE B 35 -24.69 -10.50 8.75
N GLY B 36 -23.54 -9.85 8.67
CA GLY B 36 -23.05 -9.14 9.84
C GLY B 36 -23.34 -7.66 9.76
N VAL B 37 -23.50 -7.03 10.93
CA VAL B 37 -23.75 -5.60 10.99
C VAL B 37 -22.88 -5.03 12.11
N ILE B 38 -22.05 -4.04 11.76
CA ILE B 38 -21.20 -3.39 12.74
C ILE B 38 -22.01 -2.31 13.44
N HIS B 39 -21.97 -2.31 14.77
CA HIS B 39 -22.67 -1.30 15.56
C HIS B 39 -22.00 -1.15 16.91
N GLU B 40 -21.59 0.07 17.22
CA GLU B 40 -20.97 0.39 18.49
C GLU B 40 -19.85 -0.55 18.95
N GLY B 41 -18.88 -0.77 18.06
CA GLY B 41 -17.73 -1.59 18.42
C GLY B 41 -17.81 -3.10 18.29
N LYS B 42 -18.93 -3.61 17.79
CA LYS B 42 -19.07 -5.04 17.64
C LYS B 42 -19.77 -5.41 16.35
N ILE B 43 -19.54 -6.65 15.91
CA ILE B 43 -20.21 -7.15 14.72
C ILE B 43 -21.30 -8.08 15.24
N TYR B 44 -22.52 -7.86 14.74
CA TYR B 44 -23.67 -8.66 15.13
C TYR B 44 -24.13 -9.49 13.95
N VAL B 45 -24.35 -10.79 14.16
CA VAL B 45 -24.86 -11.61 13.08
C VAL B 45 -26.36 -11.29 13.12
N CYS B 46 -26.92 -10.95 11.97
CA CYS B 46 -28.33 -10.59 11.89
C CYS B 46 -29.03 -11.23 10.71
N LYS B 47 -30.34 -11.06 10.65
CA LYS B 47 -31.17 -11.51 9.55
C LYS B 47 -32.07 -10.31 9.27
N VAL B 48 -32.54 -10.18 8.04
CA VAL B 48 -33.36 -9.03 7.67
C VAL B 48 -34.77 -9.01 8.26
N ARG B 49 -35.27 -7.81 8.51
CA ARG B 49 -36.61 -7.60 9.04
C ARG B 49 -37.34 -6.74 8.00
N ARG B 50 -37.11 -5.43 8.04
CA ARG B 50 -37.74 -4.51 7.10
C ARG B 50 -36.84 -4.09 5.96
N GLU B 51 -37.42 -4.03 4.76
CA GLU B 51 -36.68 -3.61 3.56
C GLU B 51 -37.50 -2.50 2.92
N ASP B 52 -37.20 -1.27 3.29
CA ASP B 52 -37.90 -0.10 2.77
C ASP B 52 -36.96 0.75 1.92
N LYS B 53 -37.50 1.79 1.30
CA LYS B 53 -36.70 2.66 0.45
C LYS B 53 -35.58 3.39 1.18
N ARG B 54 -35.88 3.92 2.37
CA ARG B 54 -34.87 4.65 3.12
C ARG B 54 -34.43 3.95 4.40
N GLU B 55 -34.71 2.66 4.51
CA GLU B 55 -34.34 1.95 5.72
C GLU B 55 -34.37 0.43 5.62
N ILE B 56 -33.41 -0.21 6.26
CA ILE B 56 -33.34 -1.66 6.33
C ILE B 56 -33.19 -1.94 7.83
N SER B 57 -34.09 -2.73 8.40
CA SER B 57 -33.96 -3.07 9.81
C SER B 57 -33.45 -4.50 9.86
N CYS B 58 -32.53 -4.75 10.78
CA CYS B 58 -31.90 -6.06 10.91
C CYS B 58 -32.04 -6.63 12.31
N GLU B 59 -32.62 -7.83 12.38
CA GLU B 59 -32.82 -8.49 13.66
C GLU B 59 -31.51 -9.09 14.16
N ILE B 60 -31.13 -8.73 15.38
CA ILE B 60 -29.90 -9.25 15.98
C ILE B 60 -30.10 -10.73 16.33
N VAL B 61 -29.17 -11.57 15.90
CA VAL B 61 -29.22 -13.00 16.17
C VAL B 61 -28.12 -13.39 17.15
N GLU B 62 -26.91 -12.90 16.92
CA GLU B 62 -25.80 -13.22 17.80
C GLU B 62 -24.77 -12.08 17.81
N GLU B 63 -24.33 -11.73 19.01
CA GLU B 63 -23.32 -10.69 19.18
C GLU B 63 -21.97 -11.39 19.19
N LEU B 64 -21.09 -11.01 18.28
CA LEU B 64 -19.77 -11.64 18.19
C LEU B 64 -18.72 -10.92 19.03
N GLU B 65 -17.66 -11.66 19.38
CA GLU B 65 -16.57 -11.11 20.17
C GLU B 65 -15.67 -10.30 19.24
N THR B 66 -15.29 -9.10 19.66
CA THR B 66 -14.46 -8.23 18.85
C THR B 66 -12.96 -8.46 18.99
N LYS B 67 -12.28 -8.61 17.85
CA LYS B 67 -10.84 -8.80 17.81
C LYS B 67 -10.19 -7.43 17.69
N LEU B 68 -9.31 -7.10 18.63
CA LEU B 68 -8.64 -5.81 18.61
C LEU B 68 -7.23 -5.93 18.05
N PRO B 69 -6.69 -4.83 17.51
CA PRO B 69 -5.33 -4.88 16.95
C PRO B 69 -4.31 -5.19 18.05
N PRO B 70 -3.25 -5.93 17.71
CA PRO B 70 -2.20 -6.28 18.67
C PRO B 70 -1.40 -5.08 19.16
N LYS B 71 -1.44 -4.00 18.40
CA LYS B 71 -0.73 -2.79 18.78
C LYS B 71 -1.61 -1.56 18.57
N ASP B 72 -1.37 -0.54 19.39
CA ASP B 72 -2.12 0.72 19.37
C ASP B 72 -1.27 1.74 18.62
N ILE B 73 -1.62 2.00 17.36
CA ILE B 73 -0.87 2.93 16.55
C ILE B 73 -1.65 4.19 16.20
N THR B 74 -0.97 5.33 16.36
CA THR B 74 -1.54 6.62 16.01
C THR B 74 -0.69 7.10 14.83
N LEU B 75 -1.35 7.34 13.70
CA LEU B 75 -0.68 7.79 12.51
C LEU B 75 -0.86 9.28 12.33
N TYR B 76 0.25 10.01 12.32
CA TYR B 76 0.27 11.45 12.13
C TYR B 76 0.68 11.60 10.67
N GLN B 77 -0.31 11.79 9.81
CA GLN B 77 -0.08 11.90 8.38
C GLN B 77 -0.12 13.30 7.81
N SER B 78 1.03 13.77 7.31
CA SER B 78 1.08 15.09 6.69
C SER B 78 0.13 15.00 5.49
N VAL B 79 -0.84 15.91 5.43
CA VAL B 79 -1.82 15.89 4.36
C VAL B 79 -1.17 16.07 2.99
N THR B 80 -1.43 15.12 2.10
CA THR B 80 -0.86 15.16 0.77
C THR B 80 -1.43 16.31 -0.05
N VAL B 81 -0.58 16.93 -0.87
CA VAL B 81 -1.00 18.03 -1.71
C VAL B 81 -2.12 17.57 -2.64
N ASP B 82 -2.01 16.32 -3.09
CA ASP B 82 -3.07 15.74 -3.91
C ASP B 82 -3.96 15.11 -2.86
N LEU B 83 -5.04 15.81 -2.50
CA LEU B 83 -5.95 15.31 -1.48
C LEU B 83 -6.50 13.92 -1.75
N LYS B 84 -6.65 13.57 -3.02
CA LYS B 84 -7.18 12.26 -3.37
C LYS B 84 -6.38 11.11 -2.77
N THR B 85 -5.07 11.30 -2.60
CA THR B 85 -4.21 10.29 -2.05
C THR B 85 -4.60 9.94 -0.61
N MET B 86 -5.17 10.91 0.11
CA MET B 86 -5.59 10.65 1.48
C MET B 86 -6.69 9.61 1.54
N ASP B 87 -7.49 9.48 0.48
CA ASP B 87 -8.55 8.49 0.47
C ASP B 87 -7.93 7.10 0.63
N THR B 88 -6.83 6.86 -0.08
CA THR B 88 -6.14 5.57 -0.02
C THR B 88 -5.47 5.35 1.34
N ILE B 89 -4.78 6.38 1.82
CA ILE B 89 -4.09 6.28 3.09
C ILE B 89 -5.06 6.00 4.23
N VAL B 90 -6.18 6.72 4.26
CA VAL B 90 -7.18 6.51 5.31
C VAL B 90 -7.75 5.08 5.22
N ARG B 91 -8.06 4.65 3.99
CA ARG B 91 -8.61 3.31 3.80
C ARG B 91 -7.65 2.23 4.26
N GLN B 92 -6.39 2.31 3.82
CA GLN B 92 -5.42 1.30 4.18
C GLN B 92 -5.05 1.32 5.65
N ALA B 93 -4.97 2.51 6.25
CA ALA B 93 -4.67 2.59 7.67
C ALA B 93 -5.78 1.87 8.44
N THR B 94 -7.01 1.99 7.96
CA THR B 94 -8.15 1.33 8.60
C THR B 94 -8.00 -0.18 8.47
N GLU B 95 -7.77 -0.66 7.25
CA GLU B 95 -7.59 -2.10 7.01
C GLU B 95 -6.50 -2.69 7.91
N LEU B 96 -5.41 -1.96 8.06
CA LEU B 96 -4.26 -2.40 8.83
C LEU B 96 -4.41 -2.42 10.34
N GLY B 97 -5.44 -1.75 10.85
CA GLY B 97 -5.67 -1.74 12.28
C GLY B 97 -5.26 -0.50 13.04
N VAL B 98 -4.84 0.55 12.34
CA VAL B 98 -4.46 1.80 13.00
C VAL B 98 -5.65 2.32 13.80
N LEU B 99 -5.43 2.70 15.05
CA LEU B 99 -6.51 3.16 15.90
C LEU B 99 -6.86 4.63 15.81
N THR B 100 -5.84 5.47 15.62
CA THR B 100 -6.06 6.91 15.56
C THR B 100 -5.32 7.50 14.38
N PHE B 101 -5.99 8.40 13.65
CA PHE B 101 -5.45 9.05 12.47
C PHE B 101 -5.52 10.56 12.67
N VAL B 102 -4.37 11.22 12.59
CA VAL B 102 -4.30 12.65 12.80
C VAL B 102 -3.72 13.37 11.58
N PRO B 103 -4.52 14.20 10.90
CA PRO B 103 -4.04 14.93 9.74
C PRO B 103 -3.02 15.97 10.23
N ILE B 104 -1.88 16.05 9.55
CA ILE B 104 -0.83 16.98 9.95
C ILE B 104 -0.54 18.04 8.89
N ILE B 105 -0.27 19.26 9.33
CA ILE B 105 0.08 20.32 8.41
C ILE B 105 1.58 20.56 8.61
N SER B 106 2.35 20.33 7.55
CA SER B 106 3.80 20.51 7.60
C SER B 106 4.20 21.53 6.55
N GLU B 107 5.50 21.80 6.43
CA GLU B 107 5.97 22.79 5.48
C GLU B 107 5.57 22.53 4.03
N ARG B 108 5.62 21.26 3.62
CA ARG B 108 5.31 20.90 2.24
C ARG B 108 3.97 20.19 2.04
N SER B 109 3.16 20.13 3.08
CA SER B 109 1.87 19.46 3.00
C SER B 109 0.78 20.38 2.47
N PHE B 110 -0.42 19.82 2.35
CA PHE B 110 -1.60 20.57 1.94
C PHE B 110 -1.69 21.56 3.11
N GLN B 111 -2.08 22.81 2.83
CA GLN B 111 -2.12 23.85 3.85
C GLN B 111 -3.46 24.34 4.38
N LYS B 112 -4.52 24.23 3.57
CA LYS B 112 -5.83 24.73 3.96
C LYS B 112 -6.60 23.87 4.96
N GLU B 113 -6.59 24.31 6.21
CA GLU B 113 -7.28 23.59 7.28
C GLU B 113 -8.78 23.42 7.05
N GLU B 114 -9.43 24.45 6.51
CA GLU B 114 -10.87 24.36 6.27
C GLU B 114 -11.21 23.22 5.31
N ALA B 115 -10.41 23.07 4.26
CA ALA B 115 -10.63 22.02 3.28
C ALA B 115 -10.35 20.64 3.90
N ILE B 116 -9.38 20.59 4.81
CA ILE B 116 -9.05 19.34 5.48
C ILE B 116 -10.23 18.92 6.37
N LEU B 117 -10.83 19.89 7.06
CA LEU B 117 -11.97 19.59 7.92
C LEU B 117 -13.15 19.08 7.10
N LYS B 118 -13.39 19.68 5.95
CA LYS B 118 -14.49 19.23 5.09
C LYS B 118 -14.22 17.84 4.53
N LYS B 119 -13.00 17.61 4.03
CA LYS B 119 -12.64 16.32 3.47
C LYS B 119 -12.71 15.20 4.52
N THR B 120 -12.52 15.57 5.78
CA THR B 120 -12.57 14.59 6.85
C THR B 120 -13.93 13.89 6.87
N GLU B 121 -14.98 14.58 6.42
CA GLU B 121 -16.31 13.96 6.37
C GLU B 121 -16.26 12.75 5.46
N LYS B 122 -15.62 12.92 4.30
CA LYS B 122 -15.48 11.82 3.35
C LYS B 122 -14.56 10.74 3.93
N TRP B 123 -13.46 11.16 4.55
CA TRP B 123 -12.53 10.20 5.13
C TRP B 123 -13.21 9.29 6.15
N LYS B 124 -14.12 9.85 6.93
CA LYS B 124 -14.82 9.05 7.93
C LYS B 124 -15.71 8.01 7.25
N ARG B 125 -16.27 8.35 6.09
CA ARG B 125 -17.11 7.40 5.37
C ARG B 125 -16.22 6.30 4.77
N ILE B 126 -14.99 6.66 4.40
CA ILE B 126 -14.04 5.70 3.85
C ILE B 126 -13.65 4.70 4.94
N VAL B 127 -13.51 5.20 6.17
CA VAL B 127 -13.16 4.34 7.30
C VAL B 127 -14.25 3.27 7.45
N ILE B 128 -15.51 3.71 7.38
CA ILE B 128 -16.64 2.79 7.50
C ILE B 128 -16.64 1.72 6.42
N GLU B 129 -16.35 2.10 5.18
CA GLU B 129 -16.33 1.12 4.12
C GLU B 129 -15.21 0.11 4.34
N ALA B 130 -14.07 0.60 4.83
CA ALA B 130 -12.93 -0.28 5.10
C ALA B 130 -13.22 -1.20 6.27
N MET B 131 -13.98 -0.71 7.26
CA MET B 131 -14.34 -1.52 8.42
C MET B 131 -15.18 -2.72 7.98
N LYS B 132 -16.13 -2.46 7.09
CA LYS B 132 -17.00 -3.51 6.56
C LYS B 132 -16.18 -4.56 5.81
N GLN B 133 -15.34 -4.09 4.89
CA GLN B 133 -14.55 -5.01 4.07
C GLN B 133 -13.51 -5.82 4.85
N SER B 134 -12.90 -5.19 5.85
CA SER B 134 -11.87 -5.86 6.64
C SER B 134 -12.42 -6.60 7.86
N ARG B 135 -13.72 -6.48 8.11
CA ARG B 135 -14.35 -7.13 9.26
C ARG B 135 -13.75 -6.54 10.55
N ARG B 136 -13.57 -5.22 10.54
CA ARG B 136 -13.02 -4.50 11.69
C ARG B 136 -14.16 -3.74 12.37
N PRO B 137 -14.56 -4.17 13.57
CA PRO B 137 -15.65 -3.52 14.30
C PRO B 137 -15.30 -2.26 15.08
N ILE B 138 -14.02 -2.05 15.38
CA ILE B 138 -13.58 -0.89 16.13
C ILE B 138 -13.25 0.25 15.16
N PRO B 139 -13.80 1.45 15.40
CA PRO B 139 -13.49 2.55 14.47
C PRO B 139 -12.05 3.03 14.51
N MET B 140 -11.63 3.73 13.46
CA MET B 140 -10.31 4.36 13.46
C MET B 140 -10.77 5.81 13.61
N GLU B 141 -10.41 6.43 14.72
CA GLU B 141 -10.81 7.82 14.94
C GLU B 141 -9.97 8.78 14.11
N ILE B 142 -10.63 9.72 13.45
CA ILE B 142 -9.91 10.73 12.67
C ILE B 142 -10.07 12.02 13.48
N LYS B 143 -8.94 12.58 13.90
CA LYS B 143 -8.96 13.79 14.71
C LYS B 143 -8.82 15.04 13.88
N LYS B 144 -8.97 16.19 14.53
CA LYS B 144 -8.82 17.47 13.87
C LYS B 144 -7.33 17.64 13.53
N PRO B 145 -7.03 18.43 12.50
CA PRO B 145 -5.64 18.65 12.08
C PRO B 145 -4.75 19.31 13.13
N VAL B 146 -3.49 18.89 13.14
CA VAL B 146 -2.49 19.39 14.06
C VAL B 146 -1.30 19.85 13.23
N ARG B 147 -0.57 20.84 13.69
CA ARG B 147 0.60 21.29 12.95
C ARG B 147 1.81 20.48 13.41
N LEU B 148 2.63 20.06 12.46
CA LEU B 148 3.81 19.25 12.75
C LEU B 148 4.69 19.91 13.82
N SER B 149 4.81 21.23 13.76
CA SER B 149 5.62 21.97 14.71
C SER B 149 5.17 21.83 16.16
N ASP B 150 3.93 21.43 16.39
CA ASP B 150 3.43 21.28 17.75
C ASP B 150 3.44 19.84 18.29
N LEU B 151 3.86 18.89 17.48
CA LEU B 151 3.88 17.49 17.92
C LEU B 151 4.88 17.23 19.05
N ILE B 152 4.48 16.38 19.99
CA ILE B 152 5.32 15.98 21.11
C ILE B 152 5.14 14.47 21.26
N PRO B 153 6.23 13.70 21.22
CA PRO B 153 6.10 12.24 21.34
C PRO B 153 5.59 11.84 22.72
N GLU B 154 4.59 10.95 22.76
CA GLU B 154 4.04 10.51 24.03
C GLU B 154 3.76 9.01 24.11
N SER B 155 3.98 8.29 23.02
CA SER B 155 3.74 6.86 22.98
C SER B 155 4.94 6.08 23.51
N GLU B 156 4.78 4.77 23.66
CA GLU B 156 5.87 3.92 24.15
C GLU B 156 7.04 4.02 23.18
N GLU B 157 6.72 3.98 21.89
CA GLU B 157 7.72 4.12 20.83
C GLU B 157 7.18 5.18 19.87
N ASN B 158 8.05 6.09 19.47
CA ASN B 158 7.67 7.20 18.59
C ASN B 158 8.60 7.24 17.40
N ILE B 159 8.01 7.15 16.21
CA ILE B 159 8.78 7.09 14.97
C ILE B 159 8.44 8.17 13.95
N ILE B 160 9.48 8.62 13.24
CA ILE B 160 9.30 9.55 12.13
C ILE B 160 9.86 8.83 10.91
N LEU B 161 9.04 8.64 9.88
CA LEU B 161 9.51 8.00 8.66
C LEU B 161 10.12 9.08 7.79
N ASP B 162 11.40 8.95 7.47
CA ASP B 162 12.05 9.96 6.67
C ASP B 162 13.05 9.38 5.67
N ASN B 163 12.78 9.59 4.40
CA ASN B 163 13.66 9.10 3.33
C ASN B 163 14.88 10.01 3.16
N PHE B 164 14.78 11.24 3.67
CA PHE B 164 15.87 12.22 3.55
C PHE B 164 16.90 12.24 4.67
N TYR B 165 16.75 11.34 5.63
CA TYR B 165 17.69 11.27 6.75
C TYR B 165 18.19 9.84 6.88
N GLU B 166 19.49 9.69 7.07
CA GLU B 166 20.08 8.37 7.24
C GLU B 166 19.66 7.81 8.59
N GLY B 167 18.42 7.35 8.67
CA GLY B 167 17.89 6.82 9.91
C GLY B 167 18.18 5.36 10.15
N VAL B 168 17.43 4.78 11.10
CA VAL B 168 17.61 3.39 11.46
C VAL B 168 16.66 2.47 10.73
N LYS B 169 17.02 1.18 10.67
CA LYS B 169 16.20 0.19 10.00
C LYS B 169 15.02 -0.16 10.91
N PRO B 170 13.90 -0.60 10.32
CA PRO B 170 12.71 -0.97 11.10
C PRO B 170 13.01 -1.96 12.23
N LYS B 171 13.90 -2.91 11.96
CA LYS B 171 14.24 -3.91 12.98
C LYS B 171 15.00 -3.28 14.15
N ASP B 172 15.42 -2.04 13.99
CA ASP B 172 16.14 -1.32 15.05
C ASP B 172 15.17 -0.62 15.98
N VAL B 173 13.88 -0.66 15.62
CA VAL B 173 12.84 -0.03 16.43
C VAL B 173 12.42 -0.97 17.55
N ASN B 174 11.76 -0.43 18.57
CA ASN B 174 11.28 -1.24 19.67
C ASN B 174 10.01 -1.94 19.20
N LEU B 175 10.16 -3.12 18.63
CA LEU B 175 9.02 -3.87 18.10
C LEU B 175 8.20 -4.57 19.18
N GLU B 176 8.64 -4.43 20.43
CA GLU B 176 7.92 -5.05 21.55
C GLU B 176 6.92 -4.06 22.14
N ALA B 177 7.04 -2.80 21.75
CA ALA B 177 6.14 -1.75 22.25
C ALA B 177 4.70 -2.05 21.89
N LYS B 178 3.77 -1.62 22.74
CA LYS B 178 2.35 -1.85 22.50
C LYS B 178 1.67 -0.62 21.92
N THR B 179 2.25 0.55 22.13
CA THR B 179 1.70 1.80 21.60
C THR B 179 2.75 2.52 20.78
N TYR B 180 2.34 3.04 19.64
CA TYR B 180 3.23 3.74 18.72
C TYR B 180 2.64 5.02 18.16
N SER B 181 3.53 5.95 17.83
CA SER B 181 3.17 7.18 17.16
C SER B 181 4.06 7.12 15.92
N VAL B 182 3.46 7.34 14.75
CA VAL B 182 4.22 7.29 13.50
C VAL B 182 3.93 8.56 12.70
N VAL B 183 4.98 9.30 12.34
CA VAL B 183 4.82 10.54 11.58
C VAL B 183 5.33 10.32 10.16
N VAL B 184 4.48 10.60 9.17
CA VAL B 184 4.80 10.40 7.77
C VAL B 184 4.67 11.70 6.99
N GLY B 185 5.56 11.92 6.04
CA GLY B 185 5.52 13.15 5.27
C GLY B 185 4.64 13.14 4.04
N PRO B 186 4.44 14.32 3.43
CA PRO B 186 3.63 14.49 2.22
C PRO B 186 4.51 14.15 1.03
N GLU B 187 4.02 14.38 -0.19
CA GLU B 187 4.81 14.04 -1.37
C GLU B 187 6.21 14.64 -1.36
N GLY B 188 6.31 15.91 -0.96
CA GLY B 188 7.60 16.58 -0.93
C GLY B 188 8.49 16.20 0.24
N GLY B 189 7.96 15.41 1.16
CA GLY B 189 8.75 14.99 2.31
C GLY B 189 8.88 16.05 3.40
N PHE B 190 9.78 15.78 4.35
CA PHE B 190 10.04 16.70 5.46
C PHE B 190 11.27 17.53 5.15
N SER B 191 11.21 18.82 5.49
CA SER B 191 12.36 19.68 5.28
C SER B 191 13.39 19.28 6.33
N LYS B 192 14.65 19.60 6.10
CA LYS B 192 15.69 19.27 7.04
C LYS B 192 15.46 19.90 8.42
N ARG B 193 14.96 21.14 8.43
CA ARG B 193 14.70 21.81 9.69
C ARG B 193 13.56 21.16 10.47
N GLU B 194 12.51 20.77 9.74
CA GLU B 194 11.35 20.12 10.36
C GLU B 194 11.71 18.81 11.01
N SER B 195 12.39 17.94 10.25
CA SER B 195 12.76 16.64 10.75
C SER B 195 13.75 16.73 11.91
N GLN B 196 14.68 17.68 11.84
CA GLN B 196 15.65 17.83 12.92
C GLN B 196 14.94 18.08 14.25
N ILE B 197 13.94 18.97 14.26
CA ILE B 197 13.21 19.26 15.47
C ILE B 197 12.50 18.01 15.99
N LEU B 198 11.89 17.24 15.10
CA LEU B 198 11.20 16.02 15.49
C LEU B 198 12.16 15.00 16.09
N ARG B 199 13.35 14.86 15.49
CA ARG B 199 14.32 13.92 16.03
C ARG B 199 14.80 14.38 17.41
N GLU B 200 15.02 15.69 17.56
CA GLU B 200 15.47 16.24 18.83
C GLU B 200 14.42 16.02 19.92
N LYS B 201 13.15 16.09 19.53
CA LYS B 201 12.05 15.90 20.47
C LYS B 201 11.92 14.46 20.95
N GLY B 202 12.49 13.52 20.20
CA GLY B 202 12.41 12.13 20.62
C GLY B 202 11.83 11.15 19.61
N PHE B 203 11.53 11.62 18.39
CA PHE B 203 10.99 10.73 17.36
C PHE B 203 12.18 10.01 16.71
N LYS B 204 12.14 8.69 16.71
CA LYS B 204 13.20 7.88 16.12
C LYS B 204 13.01 7.88 14.60
N SER B 205 14.04 8.34 13.87
CA SER B 205 13.94 8.39 12.42
C SER B 205 14.23 7.04 11.78
N VAL B 206 13.25 6.50 11.08
CA VAL B 206 13.34 5.21 10.43
C VAL B 206 13.44 5.33 8.92
N LEU B 207 14.33 4.53 8.33
CA LEU B 207 14.53 4.52 6.89
C LEU B 207 14.22 3.13 6.34
N LEU B 208 13.22 3.05 5.46
CA LEU B 208 12.82 1.79 4.86
C LEU B 208 13.73 1.49 3.67
N GLU B 209 13.97 0.19 3.41
CA GLU B 209 14.82 -0.21 2.31
C GLU B 209 14.02 -0.88 1.19
N PRO B 210 14.52 -0.85 -0.06
CA PRO B 210 15.79 -0.21 -0.44
C PRO B 210 15.66 1.12 -1.18
N TYR B 211 14.44 1.55 -1.47
CA TYR B 211 14.25 2.80 -2.20
C TYR B 211 13.28 3.78 -1.55
N THR B 212 13.25 4.98 -2.10
CA THR B 212 12.33 6.00 -1.63
C THR B 212 10.98 5.60 -2.21
N LEU B 213 9.96 5.59 -1.36
CA LEU B 213 8.62 5.20 -1.76
C LEU B 213 7.66 6.37 -1.75
N ARG B 214 6.49 6.18 -2.35
CA ARG B 214 5.47 7.21 -2.30
C ARG B 214 4.90 7.14 -0.90
N THR B 215 4.34 8.25 -0.43
CA THR B 215 3.76 8.34 0.91
C THR B 215 2.87 7.16 1.29
N GLU B 216 1.89 6.84 0.45
CA GLU B 216 0.97 5.76 0.78
C GLU B 216 1.64 4.40 0.90
N THR B 217 2.68 4.17 0.12
CA THR B 217 3.40 2.92 0.16
C THR B 217 4.20 2.82 1.45
N ALA B 218 4.80 3.94 1.86
CA ALA B 218 5.58 4.00 3.08
C ALA B 218 4.69 3.77 4.31
N VAL B 219 3.47 4.32 4.29
CA VAL B 219 2.54 4.13 5.39
C VAL B 219 2.25 2.65 5.60
N VAL B 220 1.84 1.96 4.54
CA VAL B 220 1.55 0.54 4.66
C VAL B 220 2.78 -0.26 5.07
N SER B 221 3.94 0.12 4.54
CA SER B 221 5.18 -0.58 4.89
C SER B 221 5.47 -0.55 6.38
N ILE B 222 5.52 0.65 6.96
CA ILE B 222 5.84 0.73 8.37
C ILE B 222 4.75 0.18 9.26
N VAL B 223 3.49 0.46 8.94
CA VAL B 223 2.39 -0.04 9.77
C VAL B 223 2.33 -1.57 9.74
N SER B 224 2.54 -2.17 8.58
CA SER B 224 2.49 -3.62 8.48
C SER B 224 3.59 -4.26 9.33
N ILE B 225 4.78 -3.65 9.31
CA ILE B 225 5.91 -4.16 10.09
C ILE B 225 5.59 -4.07 11.58
N LEU B 226 5.15 -2.91 12.04
CA LEU B 226 4.83 -2.73 13.45
C LEU B 226 3.71 -3.63 13.94
N MET B 227 2.67 -3.77 13.12
CA MET B 227 1.51 -4.57 13.49
C MET B 227 1.76 -6.08 13.53
N ASN B 228 2.69 -6.55 12.70
CA ASN B 228 2.98 -7.98 12.63
C ASN B 228 4.14 -8.51 13.47
N PHE B 229 4.98 -7.61 13.99
CA PHE B 229 6.12 -8.05 14.79
C PHE B 229 5.95 -7.76 16.29
#